data_3ODE
#
_entry.id   3ODE
#
_cell.length_a   62.804
_cell.length_b   62.804
_cell.length_c   196.049
_cell.angle_alpha   90.000
_cell.angle_beta   90.000
_cell.angle_gamma   120.000
#
_symmetry.space_group_name_H-M   'P 31 2 1'
#
loop_
_entity.id
_entity.type
_entity.pdbx_description
1 polymer 'Poly [ADP-ribose] polymerase 1'
2 polymer "5'-D(*CP*CP*CP*AP*AP*GP*CP*G)-3'"
3 polymer "5'-D(*CP*GP*CP*TP*TP*GP*GP*G)-3'"
4 non-polymer 'ZINC ION'
5 water water
#
loop_
_entity_poly.entity_id
_entity_poly.type
_entity_poly.pdbx_seq_one_letter_code
_entity_poly.pdbx_strand_id
1 'polypeptide(L)'
;MKAEKTLGDFAAEYAKSNRSTCKGCMEKIEKGQVRLSKKMVDPEKPQLGMIDRWYHPGCFVKNREELGFRPEYSASQLKG
FSLLATEDKEALKKQLPGVKSEGLEHHHHHH
;
A,B
2 'polydeoxyribonucleotide' (DC)(DC)(DC)(DA)(DA)(DG)(DC)(DG) C,E
3 'polydeoxyribonucleotide' (DC)(DG)(DC)(DT)(DT)(DG)(DG)(DG) D,F
#
loop_
_chem_comp.id
_chem_comp.type
_chem_comp.name
_chem_comp.formula
DA DNA linking 2'-DEOXYADENOSINE-5'-MONOPHOSPHATE 'C10 H14 N5 O6 P'
DC DNA linking 2'-DEOXYCYTIDINE-5'-MONOPHOSPHATE 'C9 H14 N3 O7 P'
DG DNA linking 2'-DEOXYGUANOSINE-5'-MONOPHOSPHATE 'C10 H14 N5 O7 P'
DT DNA linking THYMIDINE-5'-MONOPHOSPHATE 'C10 H15 N2 O8 P'
ZN non-polymer 'ZINC ION' 'Zn 2'
#
# COMPACT_ATOMS: atom_id res chain seq x y z
N LEU A 7 20.19 2.74 1.00
CA LEU A 7 19.11 1.76 0.99
C LEU A 7 17.85 2.34 0.37
N GLY A 8 17.79 2.37 -0.96
CA GLY A 8 16.63 2.86 -1.68
C GLY A 8 15.40 2.04 -1.33
N ASP A 9 14.25 2.71 -1.21
CA ASP A 9 13.04 2.03 -0.70
C ASP A 9 12.07 1.57 -1.78
N PHE A 10 11.50 0.41 -1.56
CA PHE A 10 10.76 -0.26 -2.61
C PHE A 10 9.32 -0.57 -2.22
N ALA A 11 8.43 -0.56 -3.20
CA ALA A 11 7.05 -0.98 -2.96
C ALA A 11 6.58 -2.03 -3.98
N ALA A 12 5.61 -2.83 -3.56
CA ALA A 12 4.95 -3.75 -4.47
C ALA A 12 3.46 -3.66 -4.27
N GLU A 13 2.71 -3.50 -5.37
CA GLU A 13 1.25 -3.48 -5.29
C GLU A 13 0.55 -3.82 -6.59
N TYR A 14 -0.75 -4.05 -6.50
CA TYR A 14 -1.58 -4.21 -7.70
C TYR A 14 -1.90 -2.84 -8.24
N ALA A 15 -1.67 -2.63 -9.52
CA ALA A 15 -1.88 -1.30 -10.08
C ALA A 15 -3.26 -0.74 -9.77
N LYS A 16 -3.29 0.43 -9.13
CA LYS A 16 -4.56 1.06 -8.77
C LYS A 16 -5.40 1.44 -9.98
N SER A 17 -4.77 1.46 -11.15
CA SER A 17 -5.41 1.95 -12.37
C SER A 17 -4.60 1.50 -13.58
N ASN A 18 -4.89 2.09 -14.72
CA ASN A 18 -4.21 1.73 -15.96
C ASN A 18 -3.50 2.94 -16.50
N ARG A 19 -3.37 3.97 -15.68
CA ARG A 19 -2.79 5.24 -16.13
C ARG A 19 -1.29 5.35 -15.91
N SER A 20 -0.72 4.43 -15.12
CA SER A 20 0.72 4.44 -14.87
C SER A 20 1.48 3.78 -16.00
N THR A 21 2.74 4.18 -16.16
CA THR A 21 3.61 3.63 -17.21
C THR A 21 4.86 3.01 -16.60
N CYS A 22 5.22 1.83 -17.08
CA CYS A 22 6.43 1.16 -16.64
C CYS A 22 7.64 1.94 -17.12
N LYS A 23 8.47 2.40 -16.20
CA LYS A 23 9.68 3.15 -16.56
C LYS A 23 10.72 2.28 -17.26
N GLY A 24 10.56 0.96 -17.16
CA GLY A 24 11.43 0.04 -17.88
C GLY A 24 11.10 0.04 -19.37
N CYS A 25 10.07 -0.72 -19.75
CA CYS A 25 9.69 -0.85 -21.14
C CYS A 25 8.97 0.37 -21.68
N MET A 26 8.65 1.32 -20.81
CA MET A 26 7.83 2.48 -21.19
C MET A 26 6.43 2.17 -21.73
N GLU A 27 5.93 0.98 -21.42
CA GLU A 27 4.57 0.60 -21.80
C GLU A 27 3.62 0.69 -20.62
N LYS A 28 2.39 1.15 -20.84
CA LYS A 28 1.45 1.34 -19.76
CA LYS A 28 1.45 1.34 -19.76
C LYS A 28 1.13 0.03 -19.03
N ILE A 29 0.97 0.14 -17.73
CA ILE A 29 0.64 -1.00 -16.89
C ILE A 29 -0.87 -1.08 -16.72
N GLU A 30 -1.39 -2.29 -16.68
CA GLU A 30 -2.83 -2.44 -16.66
C GLU A 30 -3.36 -2.46 -15.23
N LYS A 31 -4.61 -2.03 -15.05
CA LYS A 31 -5.19 -2.03 -13.72
C LYS A 31 -5.18 -3.44 -13.17
N GLY A 32 -4.77 -3.57 -11.91
CA GLY A 32 -4.76 -4.85 -11.23
C GLY A 32 -3.46 -5.61 -11.38
N GLN A 33 -2.64 -5.23 -12.36
CA GLN A 33 -1.38 -5.96 -12.58
C GLN A 33 -0.39 -5.69 -11.47
N VAL A 34 0.26 -6.74 -10.99
CA VAL A 34 1.35 -6.57 -10.07
C VAL A 34 2.40 -5.61 -10.62
N ARG A 35 2.72 -4.57 -9.86
CA ARG A 35 3.79 -3.64 -10.22
C ARG A 35 4.75 -3.33 -9.05
N LEU A 36 5.97 -2.94 -9.40
CA LEU A 36 7.00 -2.62 -8.42
C LEU A 36 7.48 -1.20 -8.60
N SER A 37 7.82 -0.54 -7.48
CA SER A 37 8.28 0.83 -7.55
C SER A 37 9.56 1.07 -6.75
N LYS A 38 10.38 1.98 -7.26
CA LYS A 38 11.45 2.60 -6.49
C LYS A 38 10.96 4.01 -6.23
N LYS A 39 10.90 4.41 -4.97
CA LYS A 39 10.62 5.81 -4.66
C LYS A 39 11.88 6.59 -5.01
N MET A 40 11.74 7.70 -5.72
CA MET A 40 12.90 8.34 -6.31
C MET A 40 12.57 9.65 -6.99
N VAL A 41 13.38 10.66 -6.76
CA VAL A 41 13.22 11.97 -7.40
C VAL A 41 13.26 11.85 -8.91
N ASP A 42 12.42 12.64 -9.57
CA ASP A 42 12.49 12.75 -11.01
C ASP A 42 13.34 13.96 -11.36
N PRO A 43 14.25 13.79 -12.32
CA PRO A 43 14.91 14.94 -12.94
C PRO A 43 13.92 16.06 -13.31
N GLU A 44 12.86 15.73 -14.06
CA GLU A 44 11.87 16.72 -14.47
C GLU A 44 11.20 17.47 -13.32
N LYS A 45 10.70 16.72 -12.34
CA LYS A 45 10.00 17.33 -11.22
C LYS A 45 10.70 17.08 -9.88
N PRO A 46 11.90 17.65 -9.71
CA PRO A 46 12.57 17.59 -8.40
C PRO A 46 11.70 18.41 -7.47
N GLN A 47 10.94 19.27 -8.14
CA GLN A 47 9.83 20.00 -7.59
C GLN A 47 8.97 19.10 -6.71
N LEU A 48 8.96 17.80 -7.01
CA LEU A 48 8.03 16.85 -6.41
C LEU A 48 8.56 16.03 -5.23
N GLY A 49 9.87 16.02 -5.05
CA GLY A 49 10.46 15.17 -4.04
C GLY A 49 10.49 13.76 -4.55
N MET A 50 10.36 12.80 -3.63
CA MET A 50 10.56 11.40 -3.97
C MET A 50 9.29 10.66 -4.41
N ILE A 51 9.05 10.66 -5.71
CA ILE A 51 7.86 10.05 -6.29
C ILE A 51 8.11 8.62 -6.74
N ASP A 52 7.02 7.91 -7.02
CA ASP A 52 7.11 6.51 -7.40
C ASP A 52 7.41 6.32 -8.87
N ARG A 53 8.38 5.45 -9.15
CA ARG A 53 8.66 5.02 -10.50
C ARG A 53 8.31 3.54 -10.60
N TRP A 54 7.35 3.24 -11.47
CA TRP A 54 6.78 1.90 -11.49
C TRP A 54 7.35 1.02 -12.60
N TYR A 55 7.42 -0.27 -12.32
CA TYR A 55 8.00 -1.24 -13.25
C TYR A 55 7.19 -2.52 -13.35
N HIS A 56 7.06 -3.08 -14.54
CA HIS A 56 6.71 -4.49 -14.62
C HIS A 56 7.73 -5.23 -13.79
N PRO A 57 7.27 -6.19 -12.98
CA PRO A 57 8.24 -7.00 -12.23
C PRO A 57 9.39 -7.50 -13.11
N GLY A 58 9.10 -7.89 -14.35
CA GLY A 58 10.16 -8.32 -15.24
C GLY A 58 11.14 -7.21 -15.50
N CYS A 59 10.62 -6.09 -15.97
CA CYS A 59 11.42 -4.92 -16.31
C CYS A 59 12.19 -4.47 -15.09
N PHE A 60 11.53 -4.56 -13.95
CA PHE A 60 12.20 -4.24 -12.72
C PHE A 60 13.45 -5.12 -12.60
N VAL A 61 13.22 -6.42 -12.55
CA VAL A 61 14.28 -7.40 -12.44
C VAL A 61 15.42 -7.17 -13.42
N LYS A 62 15.10 -6.82 -14.67
CA LYS A 62 16.13 -6.50 -15.64
C LYS A 62 17.12 -5.53 -15.04
N ASN A 63 16.63 -4.63 -14.20
CA ASN A 63 17.44 -3.52 -13.72
C ASN A 63 17.82 -3.57 -12.25
N ARG A 64 17.85 -4.77 -11.67
CA ARG A 64 18.11 -4.88 -10.24
C ARG A 64 19.25 -3.94 -9.84
N GLU A 65 20.39 -4.10 -10.51
CA GLU A 65 21.57 -3.27 -10.24
C GLU A 65 21.31 -1.77 -10.27
N GLU A 66 20.99 -1.22 -11.44
CA GLU A 66 20.78 0.21 -11.59
C GLU A 66 19.79 0.80 -10.57
N LEU A 67 18.85 -0.02 -10.11
CA LEU A 67 17.85 0.43 -9.14
C LEU A 67 18.32 0.15 -7.72
N GLY A 68 19.50 -0.42 -7.59
CA GLY A 68 20.04 -0.70 -6.28
C GLY A 68 19.25 -1.75 -5.52
N PHE A 69 18.83 -2.80 -6.19
CA PHE A 69 18.17 -3.88 -5.48
C PHE A 69 19.20 -4.78 -4.80
N ARG A 70 18.90 -5.21 -3.57
CA ARG A 70 19.82 -6.07 -2.79
C ARG A 70 19.36 -7.53 -2.75
N PRO A 71 19.73 -8.32 -3.77
CA PRO A 71 19.22 -9.70 -3.88
C PRO A 71 19.34 -10.46 -2.58
N GLU A 72 20.20 -9.96 -1.71
CA GLU A 72 20.44 -10.53 -0.38
C GLU A 72 19.16 -10.53 0.47
N TYR A 73 18.74 -9.33 0.88
CA TYR A 73 17.52 -9.14 1.65
C TYR A 73 16.32 -9.82 0.98
N SER A 74 16.25 -9.71 -0.35
CA SER A 74 15.19 -10.35 -1.16
C SER A 74 13.85 -9.62 -1.07
N ALA A 75 12.75 -10.37 -1.19
CA ALA A 75 11.40 -9.79 -1.29
C ALA A 75 10.96 -8.95 -0.09
N SER A 76 11.32 -9.41 1.10
CA SER A 76 11.03 -8.65 2.31
C SER A 76 11.22 -7.15 2.11
N GLN A 77 12.13 -6.77 1.21
CA GLN A 77 12.53 -5.37 1.07
C GLN A 77 11.55 -4.54 0.22
N LEU A 78 10.55 -5.22 -0.32
CA LEU A 78 9.51 -4.57 -1.09
C LEU A 78 8.32 -4.35 -0.20
N LYS A 79 8.18 -3.11 0.27
CA LYS A 79 7.10 -2.74 1.16
C LYS A 79 5.77 -3.14 0.55
N GLY A 80 5.02 -3.96 1.25
CA GLY A 80 3.70 -4.34 0.80
C GLY A 80 3.66 -5.74 0.24
N PHE A 81 4.84 -6.35 0.11
CA PHE A 81 4.91 -7.68 -0.49
C PHE A 81 4.02 -8.71 0.20
N SER A 82 3.81 -8.55 1.51
CA SER A 82 3.08 -9.54 2.30
C SER A 82 1.57 -9.49 2.05
N LEU A 83 1.11 -8.35 1.53
CA LEU A 83 -0.30 -8.09 1.30
C LEU A 83 -0.83 -8.74 0.02
N LEU A 84 0.05 -9.45 -0.68
CA LEU A 84 -0.29 -10.01 -1.99
C LEU A 84 -0.86 -11.41 -1.90
N ALA A 85 -1.66 -11.76 -2.91
CA ALA A 85 -2.14 -13.13 -3.03
C ALA A 85 -0.96 -14.09 -2.91
N THR A 86 -1.20 -15.27 -2.33
CA THR A 86 -0.13 -16.23 -2.12
C THR A 86 0.49 -16.67 -3.44
N GLU A 87 -0.36 -16.85 -4.44
CA GLU A 87 0.07 -17.21 -5.78
C GLU A 87 1.03 -16.16 -6.32
N ASP A 88 0.65 -14.90 -6.18
CA ASP A 88 1.45 -13.78 -6.65
C ASP A 88 2.75 -13.61 -5.84
N LYS A 89 2.65 -13.77 -4.52
CA LYS A 89 3.83 -13.76 -3.69
C LYS A 89 4.86 -14.72 -4.24
N GLU A 90 4.42 -15.94 -4.54
CA GLU A 90 5.30 -16.98 -5.05
C GLU A 90 6.05 -16.54 -6.30
N ALA A 91 5.29 -16.23 -7.35
CA ALA A 91 5.85 -15.84 -8.63
C ALA A 91 7.02 -14.88 -8.49
N LEU A 92 6.90 -13.95 -7.57
CA LEU A 92 7.95 -12.96 -7.33
C LEU A 92 9.19 -13.59 -6.73
N LYS A 93 9.01 -14.30 -5.63
CA LYS A 93 10.10 -14.99 -4.99
C LYS A 93 10.93 -15.68 -6.05
N LYS A 94 10.25 -16.26 -7.03
CA LYS A 94 10.95 -17.00 -8.08
C LYS A 94 11.77 -16.03 -8.93
N GLN A 95 11.09 -15.01 -9.45
CA GLN A 95 11.69 -13.98 -10.30
C GLN A 95 12.93 -13.34 -9.66
N LEU A 96 13.20 -13.67 -8.41
CA LEU A 96 14.13 -12.86 -7.66
C LEU A 96 15.52 -13.41 -7.42
N PRO A 97 16.53 -12.60 -7.81
CA PRO A 97 17.96 -12.73 -7.56
C PRO A 97 18.29 -13.36 -6.19
N LYS B 5 -3.32 17.20 2.78
CA LYS B 5 -4.65 17.06 2.20
C LYS B 5 -5.39 15.89 2.83
N THR B 6 -5.89 14.98 2.00
CA THR B 6 -6.51 13.75 2.47
C THR B 6 -6.03 12.56 1.62
N LEU B 7 -5.63 11.48 2.28
CA LEU B 7 -5.24 10.26 1.58
C LEU B 7 -6.42 9.65 0.81
N GLY B 8 -6.16 9.24 -0.42
CA GLY B 8 -7.18 8.59 -1.22
C GLY B 8 -7.38 7.13 -0.84
N ASP B 9 -6.38 6.50 -0.24
CA ASP B 9 -6.45 5.06 -0.06
C ASP B 9 -6.35 4.53 1.36
N PHE B 10 -6.74 5.34 2.33
CA PHE B 10 -6.78 4.91 3.73
C PHE B 10 -8.02 5.52 4.36
N ALA B 11 -8.79 4.72 5.07
CA ALA B 11 -10.01 5.21 5.65
C ALA B 11 -10.13 4.87 7.12
N ALA B 12 -10.96 5.64 7.82
CA ALA B 12 -11.26 5.38 9.21
C ALA B 12 -12.77 5.47 9.41
N GLU B 13 -13.33 4.47 10.09
CA GLU B 13 -14.76 4.50 10.38
C GLU B 13 -15.17 3.54 11.49
N TYR B 14 -16.40 3.72 11.97
CA TYR B 14 -16.94 2.80 12.97
C TYR B 14 -17.49 1.58 12.23
N ALA B 15 -17.12 0.39 12.68
CA ALA B 15 -17.52 -0.83 11.98
C ALA B 15 -19.02 -0.83 11.70
N LYS B 16 -19.39 -0.98 10.43
CA LYS B 16 -20.81 -0.97 10.07
C LYS B 16 -21.52 -2.24 10.54
N SER B 17 -20.73 -3.23 10.96
CA SER B 17 -21.25 -4.51 11.41
C SER B 17 -20.19 -5.28 12.18
N ASN B 18 -20.41 -6.57 12.36
CA ASN B 18 -19.52 -7.41 13.15
C ASN B 18 -18.98 -8.50 12.24
N ARG B 19 -19.19 -8.35 10.94
CA ARG B 19 -18.84 -9.42 10.01
C ARG B 19 -17.46 -9.26 9.36
N SER B 20 -16.85 -8.08 9.52
CA SER B 20 -15.49 -7.86 9.04
C SER B 20 -14.42 -8.44 9.98
N THR B 21 -13.26 -8.72 9.40
CA THR B 21 -12.15 -9.31 10.14
C THR B 21 -10.91 -8.45 10.03
N CYS B 22 -10.24 -8.21 11.15
CA CYS B 22 -9.00 -7.45 11.14
C CYS B 22 -7.92 -8.28 10.47
N LYS B 23 -7.33 -7.77 9.40
CA LYS B 23 -6.30 -8.52 8.69
C LYS B 23 -4.97 -8.55 9.44
N GLY B 24 -4.89 -7.76 10.51
CA GLY B 24 -3.74 -7.84 11.39
C GLY B 24 -3.82 -9.09 12.25
N CYS B 25 -4.60 -8.99 13.32
CA CYS B 25 -4.74 -10.08 14.28
C CYS B 25 -5.61 -11.23 13.77
N MET B 26 -6.25 -11.06 12.63
CA MET B 26 -7.19 -12.06 12.11
C MET B 26 -8.41 -12.31 12.99
N GLU B 27 -8.71 -11.38 13.88
CA GLU B 27 -9.87 -11.51 14.75
C GLU B 27 -11.01 -10.60 14.29
N LYS B 28 -12.24 -11.11 14.36
CA LYS B 28 -13.42 -10.34 13.99
C LYS B 28 -13.48 -9.00 14.68
N ILE B 29 -13.84 -7.95 13.96
CA ILE B 29 -14.06 -6.62 14.53
C ILE B 29 -15.54 -6.47 14.92
N GLU B 30 -15.80 -5.78 16.03
CA GLU B 30 -17.16 -5.69 16.55
C GLU B 30 -17.87 -4.50 15.94
N LYS B 31 -19.19 -4.61 15.82
CA LYS B 31 -19.98 -3.51 15.28
C LYS B 31 -19.72 -2.28 16.11
N GLY B 32 -19.52 -1.15 15.46
CA GLY B 32 -19.34 0.11 16.17
C GLY B 32 -17.90 0.43 16.51
N GLN B 33 -17.05 -0.59 16.57
CA GLN B 33 -15.64 -0.39 16.89
C GLN B 33 -14.93 0.42 15.84
N VAL B 34 -14.15 1.40 16.28
CA VAL B 34 -13.28 2.11 15.36
C VAL B 34 -12.36 1.17 14.59
N ARG B 35 -12.42 1.25 13.26
CA ARG B 35 -11.54 0.46 12.39
C ARG B 35 -10.86 1.31 11.32
N LEU B 36 -9.71 0.80 10.85
CA LEU B 36 -8.94 1.49 9.82
C LEU B 36 -8.76 0.58 8.62
N SER B 37 -8.71 1.18 7.43
CA SER B 37 -8.53 0.39 6.21
C SER B 37 -7.47 0.94 5.27
N LYS B 38 -6.76 0.02 4.61
CA LYS B 38 -6.00 0.34 3.42
C LYS B 38 -6.80 -0.20 2.26
N LYS B 39 -7.09 0.67 1.30
CA LYS B 39 -7.78 0.23 0.10
C LYS B 39 -6.80 -0.40 -0.91
N MET B 40 -7.21 -1.51 -1.50
CA MET B 40 -6.42 -2.17 -2.51
C MET B 40 -7.31 -2.74 -3.58
N VAL B 41 -6.71 -3.09 -4.70
CA VAL B 41 -7.44 -3.65 -5.82
C VAL B 41 -7.37 -5.15 -5.66
N ASP B 42 -8.26 -5.85 -6.35
CA ASP B 42 -8.12 -7.29 -6.51
C ASP B 42 -8.10 -7.64 -7.99
N PRO B 43 -6.97 -8.22 -8.46
CA PRO B 43 -6.78 -8.55 -9.86
C PRO B 43 -7.86 -9.52 -10.30
N GLU B 44 -8.47 -10.17 -9.32
CA GLU B 44 -9.52 -11.13 -9.57
C GLU B 44 -10.86 -10.42 -9.69
N LYS B 45 -10.99 -9.28 -9.02
CA LYS B 45 -12.29 -8.60 -8.98
C LYS B 45 -12.20 -7.14 -9.42
N PRO B 46 -11.52 -6.89 -10.55
CA PRO B 46 -11.25 -5.54 -11.04
C PRO B 46 -12.49 -4.65 -10.96
N GLN B 47 -13.65 -5.25 -11.20
CA GLN B 47 -14.90 -4.51 -11.26
C GLN B 47 -15.26 -3.85 -9.93
N LEU B 48 -14.74 -4.40 -8.84
CA LEU B 48 -15.06 -3.87 -7.52
C LEU B 48 -14.21 -2.65 -7.25
N GLY B 49 -13.09 -2.57 -7.95
CA GLY B 49 -12.20 -1.44 -7.78
C GLY B 49 -11.40 -1.60 -6.51
N MET B 50 -11.44 -0.58 -5.67
CA MET B 50 -10.62 -0.54 -4.47
C MET B 50 -11.37 -0.96 -3.21
N ILE B 51 -11.10 -2.18 -2.77
CA ILE B 51 -11.65 -2.75 -1.54
C ILE B 51 -10.89 -2.35 -0.28
N ASP B 52 -11.62 -2.08 0.81
CA ASP B 52 -11.02 -1.85 2.13
C ASP B 52 -10.47 -3.14 2.78
N ARG B 53 -9.25 -3.05 3.31
CA ARG B 53 -8.69 -4.09 4.19
C ARG B 53 -8.75 -3.52 5.59
N TRP B 54 -9.49 -4.15 6.51
CA TRP B 54 -9.75 -3.50 7.81
C TRP B 54 -8.81 -3.92 8.92
N TYR B 55 -8.46 -2.96 9.76
CA TYR B 55 -7.56 -3.21 10.88
C TYR B 55 -8.00 -2.55 12.19
N HIS B 56 -7.81 -3.25 13.30
CA HIS B 56 -7.73 -2.57 14.58
C HIS B 56 -6.69 -1.49 14.44
N PRO B 57 -7.01 -0.29 14.92
CA PRO B 57 -6.05 0.81 14.88
C PRO B 57 -4.67 0.38 15.40
N GLY B 58 -4.66 -0.48 16.41
CA GLY B 58 -3.42 -0.98 16.95
C GLY B 58 -2.70 -1.79 15.89
N CYS B 59 -3.37 -2.83 15.43
CA CYS B 59 -2.78 -3.72 14.44
C CYS B 59 -2.38 -2.95 13.21
N PHE B 60 -3.20 -1.98 12.85
CA PHE B 60 -2.87 -1.11 11.75
C PHE B 60 -1.48 -0.55 11.99
N VAL B 61 -1.37 0.21 13.07
CA VAL B 61 -0.12 0.84 13.48
C VAL B 61 1.08 -0.11 13.53
N LYS B 62 0.87 -1.34 13.99
CA LYS B 62 1.97 -2.31 13.94
C LYS B 62 2.55 -2.37 12.53
N ASN B 63 1.70 -2.17 11.53
CA ASN B 63 2.10 -2.37 10.15
C ASN B 63 2.25 -1.12 9.30
N ARG B 64 2.45 0.03 9.93
CA ARG B 64 2.56 1.28 9.20
C ARG B 64 3.32 1.06 7.90
N GLU B 65 4.54 0.56 8.04
CA GLU B 65 5.44 0.32 6.90
C GLU B 65 4.84 -0.52 5.79
N GLU B 66 4.53 -1.77 6.09
CA GLU B 66 4.00 -2.70 5.10
C GLU B 66 2.77 -2.15 4.38
N LEU B 67 1.96 -1.35 5.06
CA LEU B 67 0.78 -0.76 4.43
C LEU B 67 1.08 0.57 3.79
N GLY B 68 2.35 0.96 3.80
CA GLY B 68 2.74 2.21 3.19
C GLY B 68 2.12 3.40 3.89
N PHE B 69 1.97 3.30 5.20
CA PHE B 69 1.52 4.46 5.93
C PHE B 69 2.70 5.22 6.50
N ARG B 70 3.26 6.10 5.68
CA ARG B 70 4.49 6.80 6.01
C ARG B 70 4.36 7.53 7.35
N PRO B 71 5.49 7.73 8.04
CA PRO B 71 5.48 8.37 9.37
C PRO B 71 4.87 9.76 9.26
N GLU B 72 5.27 10.44 8.20
CA GLU B 72 4.76 11.75 7.83
C GLU B 72 3.25 11.88 8.07
N TYR B 73 2.51 10.89 7.59
CA TYR B 73 1.05 10.93 7.59
C TYR B 73 0.41 11.13 8.97
N SER B 74 -0.39 12.18 9.08
CA SER B 74 -1.20 12.44 10.26
C SER B 74 -2.47 11.59 10.16
N ALA B 75 -3.03 11.21 11.30
CA ALA B 75 -4.30 10.51 11.29
C ALA B 75 -5.38 11.45 10.74
N SER B 76 -5.07 12.73 10.67
CA SER B 76 -6.03 13.69 10.17
C SER B 76 -6.22 13.54 8.65
N GLN B 77 -5.36 12.75 8.03
CA GLN B 77 -5.41 12.61 6.58
C GLN B 77 -6.22 11.39 6.18
N LEU B 78 -6.68 10.64 7.17
CA LEU B 78 -7.54 9.47 6.94
C LEU B 78 -8.91 9.83 6.39
N LYS B 79 -9.26 9.20 5.27
CA LYS B 79 -10.54 9.46 4.64
C LYS B 79 -11.67 9.34 5.65
N GLY B 80 -12.46 10.41 5.76
CA GLY B 80 -13.61 10.43 6.65
C GLY B 80 -13.19 10.36 8.10
N PHE B 81 -12.04 10.97 8.37
CA PHE B 81 -11.52 11.12 9.72
C PHE B 81 -12.40 12.11 10.46
N SER B 82 -12.82 13.13 9.73
CA SER B 82 -13.58 14.24 10.29
C SER B 82 -15.00 13.86 10.73
N LEU B 83 -15.33 12.58 10.65
CA LEU B 83 -16.68 12.17 11.01
C LEU B 83 -16.71 11.40 12.32
N LEU B 84 -15.57 11.32 12.99
CA LEU B 84 -15.48 10.52 14.20
C LEU B 84 -15.71 11.36 15.46
N ALA B 85 -16.16 10.70 16.52
CA ALA B 85 -16.30 11.35 17.83
C ALA B 85 -15.00 12.08 18.17
N THR B 86 -15.10 13.21 18.87
CA THR B 86 -13.91 14.00 19.17
C THR B 86 -12.95 13.21 20.03
N GLU B 87 -13.49 12.42 20.94
CA GLU B 87 -12.65 11.59 21.80
C GLU B 87 -11.84 10.62 20.95
N ASP B 88 -12.52 9.98 20.01
CA ASP B 88 -11.87 9.02 19.11
C ASP B 88 -10.87 9.68 18.17
N LYS B 89 -11.25 10.83 17.62
CA LYS B 89 -10.33 11.59 16.79
C LYS B 89 -9.03 11.79 17.55
N GLU B 90 -9.15 12.18 18.82
CA GLU B 90 -7.96 12.46 19.64
C GLU B 90 -7.05 11.23 19.75
N ALA B 91 -7.60 10.13 20.27
CA ALA B 91 -6.79 8.93 20.49
C ALA B 91 -5.94 8.57 19.27
N LEU B 92 -6.47 8.78 18.08
CA LEU B 92 -5.73 8.48 16.86
C LEU B 92 -4.57 9.44 16.64
N LYS B 93 -4.86 10.73 16.65
CA LYS B 93 -3.82 11.75 16.53
C LYS B 93 -2.63 11.35 17.39
N LYS B 94 -2.92 10.82 18.57
CA LYS B 94 -1.88 10.37 19.50
C LYS B 94 -1.06 9.27 18.89
N GLN B 95 -1.73 8.22 18.38
CA GLN B 95 -1.02 7.10 17.79
C GLN B 95 -0.55 7.31 16.33
N LEU B 96 -0.74 8.51 15.77
CA LEU B 96 -0.37 8.79 14.37
C LEU B 96 -0.17 10.27 14.05
N PRO B 97 1.06 10.76 14.14
CA PRO B 97 1.34 12.13 13.72
C PRO B 97 2.46 12.21 12.67
ZN ZN G . 7.87 -2.81 -18.35
ZN ZN H . -6.17 -6.87 14.84
#